data_7L9T
#
_entry.id   7L9T
#
_cell.length_a   53.750
_cell.length_b   53.750
_cell.length_c   107.590
_cell.angle_alpha   90.000
_cell.angle_beta   90.000
_cell.angle_gamma   90.000
#
_symmetry.space_group_name_H-M   'P 41 21 2'
#
loop_
_entity.id
_entity.type
_entity.pdbx_description
1 polymer 'Dihydrofolate reductase'
2 non-polymer '3-(3-{3-[(2,4-diamino-6-ethylpyrimidin-5-yl)oxy]propoxy}phenyl)propanoic acid'
3 non-polymer 'SULFATE ION'
4 non-polymer 'DIMETHYL SULFOXIDE'
5 water water
#
_entity_poly.entity_id   1
_entity_poly.type   'polypeptide(L)'
_entity_poly.pdbx_seq_one_letter_code
;MAHHHHHHMSMRLIWAQSTSGIIGRDNSIPWRLPEDLARFKEMTMGHPVVMGRLTWESLPASVRPLPGRRNIVVTRDADY
RAEGAEVVTDLPDEPDAWVIGGAQIYAMALARADRCEVTEVDIALTPLDGDARAPVLDDSWVATTGEWQTSTSGLRFRFC
SYRR
;
_entity_poly.pdbx_strand_id   A
#
loop_
_chem_comp.id
_chem_comp.type
_chem_comp.name
_chem_comp.formula
DMS non-polymer 'DIMETHYL SULFOXIDE' 'C2 H6 O S'
QKJ non-polymer '3-(3-{3-[(2,4-diamino-6-ethylpyrimidin-5-yl)oxy]propoxy}phenyl)propanoic acid' 'C18 H24 N4 O4'
SO4 non-polymer 'SULFATE ION' 'O4 S -2'
#
# COMPACT_ATOMS: atom_id res chain seq x y z
N MET A 9 -10.99 11.28 -8.02
CA MET A 9 -11.33 10.65 -9.30
C MET A 9 -10.69 9.26 -9.47
N SER A 10 -9.37 9.22 -9.67
CA SER A 10 -8.70 8.02 -10.15
C SER A 10 -7.53 7.64 -9.25
N MET A 11 -7.73 7.73 -7.94
CA MET A 11 -6.72 7.21 -7.03
C MET A 11 -6.67 5.69 -7.16
N ARG A 12 -5.47 5.14 -7.08
CA ARG A 12 -5.26 3.71 -7.05
C ARG A 12 -4.73 3.34 -5.68
N LEU A 13 -5.21 2.23 -5.13
CA LEU A 13 -4.73 1.70 -3.86
C LEU A 13 -3.92 0.43 -4.10
N ILE A 14 -2.81 0.29 -3.41
CA ILE A 14 -2.04 -0.95 -3.51
C ILE A 14 -1.58 -1.36 -2.12
N TRP A 15 -1.80 -2.61 -1.76
CA TRP A 15 -1.41 -3.09 -0.44
C TRP A 15 -1.13 -4.58 -0.51
N ALA A 16 -0.43 -5.06 0.51
CA ALA A 16 -0.26 -6.49 0.72
C ALA A 16 -0.88 -6.83 2.07
N GLN A 17 -1.60 -7.94 2.12
CA GLN A 17 -2.30 -8.34 3.33
C GLN A 17 -2.12 -9.83 3.53
N SER A 18 -2.21 -10.27 4.79
CA SER A 18 -2.39 -11.67 5.06
C SER A 18 -3.79 -12.10 4.64
N THR A 19 -4.02 -13.42 4.61
CA THR A 19 -5.36 -13.89 4.27
C THR A 19 -6.41 -13.46 5.29
N SER A 20 -6.01 -13.19 6.56
CA SER A 20 -6.96 -12.65 7.53
C SER A 20 -7.19 -11.15 7.34
N GLY A 21 -6.47 -10.51 6.42
CA GLY A 21 -6.63 -9.11 6.12
C GLY A 21 -5.67 -8.18 6.83
N ILE A 22 -4.70 -8.71 7.58
CA ILE A 22 -3.76 -7.87 8.29
C ILE A 22 -2.73 -7.35 7.31
N ILE A 23 -2.51 -6.03 7.31
CA ILE A 23 -1.51 -5.47 6.41
C ILE A 23 -0.22 -5.16 7.13
N GLY A 24 -0.22 -5.24 8.45
CA GLY A 24 1.00 -5.11 9.22
C GLY A 24 0.67 -4.76 10.65
N ARG A 25 1.72 -4.72 11.46
CA ARG A 25 1.61 -4.30 12.85
C ARG A 25 2.70 -3.27 13.09
N ASP A 26 2.30 -2.03 13.37
CA ASP A 26 3.23 -0.93 13.53
C ASP A 26 4.17 -0.81 12.31
N ASN A 27 3.59 -1.04 11.12
CA ASN A 27 4.27 -0.96 9.82
C ASN A 27 5.26 -2.09 9.56
N SER A 28 5.53 -2.92 10.57
CA SER A 28 6.42 -4.08 10.36
C SER A 28 5.69 -5.21 9.65
N ILE A 29 6.38 -5.82 8.70
CA ILE A 29 5.81 -6.83 7.81
C ILE A 29 6.37 -8.19 8.18
N PRO A 30 5.54 -9.20 8.45
CA PRO A 30 6.08 -10.49 8.91
C PRO A 30 6.53 -11.39 7.79
N TRP A 31 6.18 -11.13 6.53
CA TRP A 31 6.56 -12.01 5.43
C TRP A 31 7.67 -11.37 4.60
N ARG A 32 8.48 -12.24 3.99
CA ARG A 32 9.46 -11.84 2.98
C ARG A 32 8.98 -12.37 1.63
N LEU A 33 8.59 -11.46 0.74
CA LEU A 33 7.95 -11.85 -0.51
C LEU A 33 8.47 -10.97 -1.64
N PRO A 34 9.62 -11.34 -2.24
CA PRO A 34 10.23 -10.43 -3.22
C PRO A 34 9.35 -10.22 -4.44
N GLU A 35 8.52 -11.20 -4.78
CA GLU A 35 7.62 -11.05 -5.92
C GLU A 35 6.63 -9.90 -5.71
N ASP A 36 6.24 -9.66 -4.47
CA ASP A 36 5.38 -8.50 -4.16
C ASP A 36 6.13 -7.19 -4.32
N LEU A 37 7.40 -7.14 -3.92
CA LEU A 37 8.19 -5.93 -4.16
C LEU A 37 8.28 -5.65 -5.65
N ALA A 38 8.51 -6.69 -6.46
CA ALA A 38 8.61 -6.51 -7.90
C ALA A 38 7.33 -5.95 -8.47
N ARG A 39 6.18 -6.51 -8.06
N ARG A 39 6.18 -6.48 -8.06
CA ARG A 39 4.90 -6.02 -8.58
CA ARG A 39 4.92 -6.00 -8.61
C ARG A 39 4.63 -4.59 -8.13
C ARG A 39 4.59 -4.60 -8.11
N PHE A 40 4.93 -4.28 -6.86
CA PHE A 40 4.74 -2.94 -6.34
C PHE A 40 5.54 -1.93 -7.17
N LYS A 41 6.81 -2.23 -7.44
CA LYS A 41 7.66 -1.36 -8.24
C LYS A 41 7.10 -1.18 -9.65
N GLU A 42 6.64 -2.27 -10.25
CA GLU A 42 6.10 -2.18 -11.61
C GLU A 42 4.87 -1.27 -11.65
N MET A 43 3.99 -1.39 -10.64
CA MET A 43 2.74 -0.62 -10.69
C MET A 43 2.97 0.85 -10.39
N THR A 44 3.87 1.16 -9.45
CA THR A 44 3.98 2.54 -8.97
C THR A 44 5.05 3.37 -9.68
N MET A 45 6.01 2.76 -10.37
CA MET A 45 7.10 3.53 -10.95
C MET A 45 6.60 4.61 -11.91
N GLY A 46 7.15 5.81 -11.79
CA GLY A 46 6.79 6.92 -12.67
C GLY A 46 5.55 7.66 -12.24
N HIS A 47 4.99 7.35 -11.08
CA HIS A 47 3.76 7.95 -10.58
C HIS A 47 3.99 8.48 -9.18
N PRO A 48 3.18 9.46 -8.74
CA PRO A 48 3.21 9.85 -7.33
C PRO A 48 2.80 8.70 -6.44
N VAL A 49 3.41 8.63 -5.26
CA VAL A 49 3.01 7.67 -4.24
C VAL A 49 2.66 8.44 -2.98
N VAL A 50 1.51 8.14 -2.41
CA VAL A 50 0.94 8.87 -1.29
C VAL A 50 0.94 7.94 -0.08
N MET A 51 1.43 8.43 1.06
CA MET A 51 1.62 7.58 2.24
C MET A 51 1.52 8.39 3.52
N GLY A 52 1.35 7.67 4.64
CA GLY A 52 1.43 8.30 5.94
C GLY A 52 2.86 8.40 6.46
N ARG A 53 3.01 9.07 7.59
CA ARG A 53 4.33 9.31 8.15
C ARG A 53 5.00 8.02 8.60
N LEU A 54 4.21 7.09 9.14
CA LEU A 54 4.79 5.83 9.61
C LEU A 54 5.28 4.98 8.44
N THR A 55 4.50 4.94 7.34
CA THR A 55 4.96 4.26 6.14
C THR A 55 6.25 4.86 5.61
N TRP A 56 6.32 6.19 5.59
CA TRP A 56 7.54 6.87 5.15
C TRP A 56 8.75 6.45 5.99
N GLU A 57 8.65 6.60 7.31
CA GLU A 57 9.79 6.29 8.16
C GLU A 57 10.14 4.81 8.12
N SER A 58 9.21 3.95 7.72
CA SER A 58 9.47 2.52 7.66
C SER A 58 10.07 2.06 6.34
N LEU A 59 10.09 2.92 5.32
CA LEU A 59 10.77 2.58 4.08
C LEU A 59 12.24 2.27 4.37
N PRO A 60 12.80 1.23 3.73
CA PRO A 60 14.26 1.04 3.81
C PRO A 60 14.96 2.32 3.40
N ALA A 61 16.03 2.65 4.13
CA ALA A 61 16.69 3.93 3.95
C ALA A 61 17.16 4.13 2.51
N SER A 62 17.55 3.04 1.84
CA SER A 62 18.05 3.13 0.48
C SER A 62 16.95 3.49 -0.52
N VAL A 63 15.68 3.36 -0.16
CA VAL A 63 14.60 3.78 -1.05
C VAL A 63 13.65 4.73 -0.33
N ARG A 64 14.21 5.61 0.49
CA ARG A 64 13.46 6.69 1.14
C ARG A 64 14.08 8.02 0.72
N PRO A 65 13.50 8.73 -0.25
CA PRO A 65 12.25 8.42 -0.95
C PRO A 65 12.32 7.28 -1.97
N LEU A 66 11.15 6.74 -2.33
CA LEU A 66 11.07 5.71 -3.36
C LEU A 66 11.50 6.31 -4.70
N PRO A 67 12.53 5.80 -5.35
CA PRO A 67 13.08 6.48 -6.53
C PRO A 67 12.15 6.39 -7.74
N GLY A 68 12.24 7.42 -8.59
CA GLY A 68 11.42 7.46 -9.80
C GLY A 68 9.96 7.74 -9.56
N ARG A 69 9.58 8.10 -8.33
CA ARG A 69 8.21 8.40 -7.97
C ARG A 69 8.20 9.66 -7.14
N ARG A 70 7.20 10.53 -7.37
CA ARG A 70 7.03 11.69 -6.51
C ARG A 70 6.45 11.24 -5.18
N ASN A 71 7.22 11.35 -4.09
CA ASN A 71 6.76 10.86 -2.80
C ASN A 71 5.98 11.96 -2.07
N ILE A 72 4.79 11.61 -1.59
CA ILE A 72 3.94 12.54 -0.87
C ILE A 72 3.57 11.93 0.48
N VAL A 73 3.84 12.67 1.55
CA VAL A 73 3.63 12.20 2.92
C VAL A 73 2.50 13.00 3.53
N VAL A 74 1.45 12.32 3.97
CA VAL A 74 0.28 12.96 4.55
C VAL A 74 0.33 12.81 6.06
N THR A 75 0.28 13.93 6.78
CA THR A 75 0.29 13.89 8.23
C THR A 75 -0.33 15.17 8.77
N ARG A 76 -0.96 15.05 9.94
CA ARG A 76 -1.58 16.22 10.57
C ARG A 76 -0.55 17.18 11.16
N ASP A 77 0.68 16.73 11.33
CA ASP A 77 1.77 17.60 11.79
C ASP A 77 2.25 18.39 10.58
N ALA A 78 1.75 19.63 10.45
CA ALA A 78 2.13 20.48 9.32
C ALA A 78 3.64 20.62 9.22
N ASP A 79 4.31 20.85 10.36
CA ASP A 79 5.76 20.90 10.41
C ASP A 79 6.30 19.48 10.48
N TYR A 80 6.77 18.95 9.35
CA TYR A 80 7.46 17.67 9.32
C TYR A 80 8.43 17.67 8.13
N ARG A 81 9.65 17.21 8.37
CA ARG A 81 10.70 17.22 7.36
C ARG A 81 10.85 15.82 6.78
N ALA A 82 10.51 15.66 5.52
CA ALA A 82 10.71 14.41 4.79
C ALA A 82 11.67 14.73 3.63
N GLU A 83 12.94 14.42 3.80
CA GLU A 83 13.91 14.72 2.75
C GLU A 83 13.57 13.95 1.49
N GLY A 84 13.27 14.68 0.42
CA GLY A 84 12.92 14.05 -0.83
C GLY A 84 11.45 13.79 -1.04
N ALA A 85 10.59 14.23 -0.12
CA ALA A 85 9.15 14.03 -0.22
C ALA A 85 8.43 15.36 -0.02
N GLU A 86 7.22 15.43 -0.55
N GLU A 86 7.19 15.42 -0.51
CA GLU A 86 6.34 16.58 -0.32
CA GLU A 86 6.34 16.58 -0.32
C GLU A 86 5.46 16.27 0.89
C GLU A 86 5.39 16.31 0.84
N VAL A 87 5.39 17.20 1.82
CA VAL A 87 4.62 17.02 3.05
C VAL A 87 3.34 17.83 2.97
N VAL A 88 2.21 17.13 3.03
CA VAL A 88 0.91 17.77 2.94
C VAL A 88 0.09 17.33 4.15
N THR A 89 -0.88 18.17 4.52
CA THR A 89 -1.71 17.91 5.68
C THR A 89 -2.98 17.15 5.33
N ASP A 90 -3.32 17.04 4.04
CA ASP A 90 -4.52 16.35 3.62
C ASP A 90 -4.23 15.56 2.35
N LEU A 91 -5.06 14.55 2.11
CA LEU A 91 -4.91 13.70 0.95
C LEU A 91 -4.95 14.56 -0.31
N PRO A 92 -3.93 14.48 -1.18
CA PRO A 92 -3.86 15.37 -2.33
C PRO A 92 -4.64 14.87 -3.54
N ASP A 93 -5.04 15.82 -4.38
CA ASP A 93 -5.77 15.52 -5.62
C ASP A 93 -4.79 15.34 -6.78
N GLU A 94 -3.94 14.32 -6.67
CA GLU A 94 -3.03 13.96 -7.74
C GLU A 94 -3.67 12.84 -8.55
N PRO A 95 -4.04 13.07 -9.81
CA PRO A 95 -4.90 12.09 -10.50
C PRO A 95 -4.28 10.71 -10.66
N ASP A 96 -2.98 10.63 -10.95
CA ASP A 96 -2.38 9.37 -11.33
C ASP A 96 -1.67 8.68 -10.17
N ALA A 97 -1.98 9.06 -8.94
CA ALA A 97 -1.15 8.67 -7.80
C ALA A 97 -1.57 7.31 -7.24
N TRP A 98 -0.61 6.65 -6.59
CA TRP A 98 -0.84 5.37 -5.91
C TRP A 98 -0.76 5.60 -4.41
N VAL A 99 -1.79 5.17 -3.68
CA VAL A 99 -1.78 5.23 -2.23
C VAL A 99 -1.17 3.93 -1.71
N ILE A 100 -0.11 4.04 -0.90
CA ILE A 100 0.74 2.90 -0.59
C ILE A 100 0.85 2.62 0.90
N GLY A 101 0.15 3.35 1.74
CA GLY A 101 0.35 3.03 3.14
C GLY A 101 -0.29 4.00 4.07
N GLY A 102 -0.69 3.48 5.23
CA GLY A 102 -1.69 4.06 6.08
C GLY A 102 -2.96 3.25 5.96
N ALA A 103 -3.23 2.38 6.94
CA ALA A 103 -4.57 1.81 7.04
C ALA A 103 -5.62 2.91 7.02
N GLN A 104 -5.30 4.06 7.63
CA GLN A 104 -6.18 5.22 7.62
C GLN A 104 -6.11 5.97 6.30
N ILE A 105 -4.98 5.91 5.61
CA ILE A 105 -4.89 6.55 4.29
C ILE A 105 -5.72 5.79 3.27
N TYR A 106 -5.66 4.46 3.32
CA TYR A 106 -6.53 3.65 2.46
C TYR A 106 -8.00 3.99 2.72
N ALA A 107 -8.39 4.05 3.99
CA ALA A 107 -9.76 4.39 4.34
C ALA A 107 -10.18 5.73 3.76
N MET A 108 -9.31 6.73 3.84
CA MET A 108 -9.65 8.06 3.34
C MET A 108 -9.69 8.12 1.82
N ALA A 109 -8.82 7.35 1.16
CA ALA A 109 -8.71 7.42 -0.30
C ALA A 109 -9.69 6.51 -1.00
N LEU A 110 -10.23 5.53 -0.29
CA LEU A 110 -11.07 4.50 -0.92
C LEU A 110 -12.24 5.11 -1.67
N ALA A 111 -12.82 6.18 -1.12
CA ALA A 111 -13.95 6.83 -1.76
C ALA A 111 -13.58 7.39 -3.13
N ARG A 112 -12.34 7.85 -3.29
CA ARG A 112 -11.89 8.41 -4.56
C ARG A 112 -11.25 7.37 -5.48
N ALA A 113 -11.22 6.11 -5.08
CA ALA A 113 -10.46 5.10 -5.81
C ALA A 113 -11.32 4.36 -6.84
N ASP A 114 -10.74 4.08 -8.00
CA ASP A 114 -11.35 3.18 -8.95
C ASP A 114 -10.49 1.95 -9.25
N ARG A 115 -9.37 1.78 -8.56
CA ARG A 115 -8.53 0.60 -8.73
C ARG A 115 -7.90 0.23 -7.40
N CYS A 116 -7.90 -1.07 -7.08
CA CYS A 116 -7.12 -1.60 -5.97
C CYS A 116 -6.30 -2.77 -6.49
N GLU A 117 -5.01 -2.79 -6.13
CA GLU A 117 -4.12 -3.89 -6.45
C GLU A 117 -3.69 -4.51 -5.14
N VAL A 118 -4.01 -5.79 -4.96
CA VAL A 118 -3.83 -6.45 -3.67
C VAL A 118 -2.94 -7.67 -3.84
N THR A 119 -2.00 -7.85 -2.91
CA THR A 119 -1.29 -9.10 -2.74
C THR A 119 -1.82 -9.75 -1.47
N GLU A 120 -2.27 -10.99 -1.59
CA GLU A 120 -2.76 -11.76 -0.45
C GLU A 120 -1.72 -12.81 -0.13
N VAL A 121 -1.25 -12.81 1.11
CA VAL A 121 -0.20 -13.72 1.56
C VAL A 121 -0.83 -14.77 2.45
N ASP A 122 -0.69 -16.04 2.06
CA ASP A 122 -1.17 -17.12 2.91
C ASP A 122 -0.23 -17.29 4.09
N ILE A 123 -0.47 -16.53 5.16
CA ILE A 123 0.32 -16.58 6.38
C ILE A 123 -0.65 -16.36 7.54
N ALA A 124 -0.59 -17.25 8.52
CA ALA A 124 -1.43 -17.11 9.70
C ALA A 124 -0.78 -16.09 10.63
N LEU A 125 -1.56 -15.13 11.10
CA LEU A 125 -1.04 -14.15 12.04
C LEU A 125 -1.98 -14.06 13.25
N THR A 126 -1.40 -14.01 14.43
CA THR A 126 -2.18 -13.79 15.64
C THR A 126 -2.65 -12.34 15.66
N PRO A 127 -3.94 -12.09 15.78
CA PRO A 127 -4.39 -10.69 15.89
C PRO A 127 -3.80 -10.05 17.14
N LEU A 128 -3.29 -8.84 16.99
CA LEU A 128 -2.80 -8.05 18.09
C LEU A 128 -3.48 -6.69 18.08
N ASP A 129 -3.56 -6.08 19.26
CA ASP A 129 -4.29 -4.83 19.40
C ASP A 129 -3.69 -3.76 18.50
N GLY A 130 -4.56 -3.03 17.81
CA GLY A 130 -4.13 -1.98 16.92
C GLY A 130 -3.56 -2.45 15.61
N ASP A 131 -3.91 -3.65 15.16
CA ASP A 131 -3.49 -4.11 13.84
C ASP A 131 -4.07 -3.21 12.77
N ALA A 132 -3.29 -3.03 11.71
CA ALA A 132 -3.80 -2.39 10.52
C ALA A 132 -4.49 -3.45 9.67
N ARG A 133 -5.75 -3.20 9.33
CA ARG A 133 -6.53 -4.12 8.52
C ARG A 133 -6.76 -3.54 7.14
N ALA A 134 -6.81 -4.42 6.14
CA ALA A 134 -7.09 -3.99 4.78
C ALA A 134 -8.52 -3.49 4.66
N PRO A 135 -8.78 -2.60 3.70
CA PRO A 135 -10.16 -2.24 3.39
C PRO A 135 -10.93 -3.46 2.94
N VAL A 136 -12.20 -3.50 3.31
CA VAL A 136 -13.14 -4.48 2.78
C VAL A 136 -13.80 -3.84 1.55
N LEU A 137 -13.66 -4.50 0.41
CA LEU A 137 -14.20 -3.97 -0.83
C LEU A 137 -15.62 -4.50 -1.02
N ASP A 138 -16.54 -3.59 -1.35
CA ASP A 138 -17.95 -3.95 -1.44
C ASP A 138 -18.25 -4.46 -2.84
N ASP A 139 -19.53 -4.69 -3.14
CA ASP A 139 -19.89 -5.36 -4.38
C ASP A 139 -19.83 -4.44 -5.60
N SER A 140 -19.45 -3.17 -5.43
CA SER A 140 -19.24 -2.30 -6.60
C SER A 140 -17.93 -2.61 -7.32
N TRP A 141 -17.03 -3.36 -6.68
CA TRP A 141 -15.75 -3.66 -7.28
C TRP A 141 -15.83 -4.92 -8.11
N VAL A 142 -15.22 -4.87 -9.29
CA VAL A 142 -15.03 -6.05 -10.13
C VAL A 142 -13.69 -6.67 -9.81
N ALA A 143 -13.70 -7.92 -9.39
CA ALA A 143 -12.50 -8.61 -8.93
C ALA A 143 -11.91 -9.45 -10.05
N THR A 144 -10.61 -9.38 -10.21
CA THR A 144 -9.85 -10.29 -11.08
C THR A 144 -8.87 -11.00 -10.18
N THR A 145 -9.05 -12.30 -10.00
CA THR A 145 -8.29 -13.06 -9.00
C THR A 145 -7.20 -13.87 -9.70
N GLY A 146 -5.94 -13.59 -9.36
CA GLY A 146 -4.86 -14.35 -9.93
C GLY A 146 -4.77 -15.75 -9.33
N GLU A 147 -4.06 -16.63 -10.03
CA GLU A 147 -3.87 -17.99 -9.55
C GLU A 147 -2.97 -17.98 -8.32
N TRP A 148 -3.21 -18.94 -7.42
CA TRP A 148 -2.32 -19.09 -6.27
C TRP A 148 -0.92 -19.48 -6.74
N GLN A 149 0.08 -18.88 -6.09
CA GLN A 149 1.47 -18.90 -6.53
C GLN A 149 2.34 -19.26 -5.32
N THR A 150 3.53 -19.80 -5.59
CA THR A 150 4.52 -20.04 -4.52
C THR A 150 5.75 -19.18 -4.74
N SER A 151 6.26 -18.58 -3.66
CA SER A 151 7.37 -17.65 -3.76
C SER A 151 8.70 -18.38 -3.72
N THR A 152 9.75 -17.68 -4.19
CA THR A 152 11.11 -18.14 -3.94
C THR A 152 11.37 -18.32 -2.45
N SER A 153 10.59 -17.67 -1.60
CA SER A 153 10.73 -17.80 -0.16
C SER A 153 9.96 -19.00 0.42
N GLY A 154 9.13 -19.68 -0.39
CA GLY A 154 8.29 -20.79 0.06
C GLY A 154 6.87 -20.41 0.42
N LEU A 155 6.58 -19.12 0.51
CA LEU A 155 5.24 -18.64 0.84
C LEU A 155 4.30 -18.74 -0.35
N ARG A 156 3.05 -19.07 -0.04
CA ARG A 156 1.95 -19.05 -0.99
C ARG A 156 1.30 -17.67 -1.01
N PHE A 157 1.02 -17.16 -2.21
CA PHE A 157 0.49 -15.81 -2.34
C PHE A 157 -0.27 -15.74 -3.64
N ARG A 158 -1.03 -14.66 -3.81
CA ARG A 158 -1.68 -14.42 -5.09
C ARG A 158 -1.89 -12.92 -5.21
N PHE A 159 -2.02 -12.48 -6.47
CA PHE A 159 -2.34 -11.11 -6.81
C PHE A 159 -3.79 -11.02 -7.24
N CYS A 160 -4.50 -10.01 -6.73
CA CYS A 160 -5.88 -9.74 -7.11
C CYS A 160 -5.98 -8.28 -7.51
N SER A 161 -6.77 -8.01 -8.52
CA SER A 161 -6.99 -6.66 -9.02
C SER A 161 -8.46 -6.34 -8.95
N TYR A 162 -8.79 -5.13 -8.51
CA TYR A 162 -10.16 -4.69 -8.38
C TYR A 162 -10.35 -3.40 -9.14
N ARG A 163 -11.44 -3.31 -9.90
CA ARG A 163 -11.71 -2.12 -10.71
C ARG A 163 -13.19 -1.75 -10.59
N ARG A 164 -13.45 -0.47 -10.78
CA ARG A 164 -14.81 0.02 -11.00
C ARG A 164 -14.79 1.30 -11.82
C11 QKJ B . 9.62 -1.33 0.83
C12 QKJ B . 10.74 -2.05 0.48
C15 QKJ B . 10.71 -1.72 -3.32
C16 QKJ B . 11.47 -0.49 -3.81
C01 QKJ B . 6.54 -3.43 -0.97
C02 QKJ B . 5.48 -3.64 0.14
C03 QKJ B . 4.13 -3.23 -0.41
C04 QKJ B . 3.55 -2.03 -0.10
C06 QKJ B . 4.98 -0.09 0.16
C07 QKJ B . 5.75 0.49 1.33
C08 QKJ B . 7.08 -0.24 1.52
C10 QKJ B . 8.86 -0.73 -0.16
C13 QKJ B . 11.11 -2.19 -0.86
C14 QKJ B . 10.35 -1.59 -1.86
C17 QKJ B . 10.85 0.07 -5.14
C20 QKJ B . 9.23 -0.86 -1.49
C21 QKJ B . 2.30 -1.75 -0.67
C24 QKJ B . 2.35 -3.78 -1.74
N22 QKJ B . 1.67 -0.60 -0.41
N23 QKJ B . 1.71 -2.64 -1.49
N25 QKJ B . 1.77 -4.68 -2.56
N26 QKJ B . 3.53 -4.09 -1.23
O05 QKJ B . 4.15 -1.12 0.75
O09 QKJ B . 7.75 -0.01 0.27
O18 QKJ B . 9.63 -0.13 -5.31
O19 QKJ B . 11.68 0.63 -5.89
S SO4 C . -8.62 -3.61 17.50
O1 SO4 C . -7.27 -3.08 17.58
O2 SO4 C . -9.20 -3.66 18.84
O3 SO4 C . -8.60 -4.97 16.96
O4 SO4 C . -9.44 -2.75 16.65
S SO4 D . 0.88 5.69 8.30
O1 SO4 D . 1.50 6.82 8.99
O2 SO4 D . 0.90 4.49 9.14
O3 SO4 D . -0.51 6.01 8.00
O4 SO4 D . 1.62 5.42 7.08
S DMS E . 8.05 -8.20 2.08
O DMS E . 7.59 -8.66 0.75
C1 DMS E . 7.94 -6.40 2.31
C2 DMS E . 9.86 -8.32 2.16
#